data_8HX4
#
_entry.id   8HX4
#
_cell.length_a   76.645
_cell.length_b   83.528
_cell.length_c   62.002
_cell.angle_alpha   90.00
_cell.angle_beta   100.32
_cell.angle_gamma   90.00
#
_symmetry.space_group_name_H-M   'C 1 2 1'
#
loop_
_entity.id
_entity.type
_entity.pdbx_description
1 polymer '4-hydroxyphenylpyruvate dioxygenase'
2 non-polymer 'COBALT (II) ION'
3 non-polymer 6-[(R)-[(2R,6R)-2,6-bis(oxidanyl)cyclohexyl]-oxidanyl-methyl]-3-(4,6-dimethylpyrimidin-2-yl)-1,5-dimethyl-quinazoline-2,4-dione
4 non-polymer (4S)-2-METHYL-2,4-PENTANEDIOL
5 water water
#
_entity_poly.entity_id   1
_entity_poly.type   'polypeptide(L)'
_entity_poly.pdbx_seq_one_letter_code
;GSHMVRKNPKSDKFKVKRFHHIEFWCGDATNVARRFSWGLGMRFSAKSDLSTGNMVHASYLLTSGDLRFLFTAPYSPSLS
AGEIKPTTTASIPSFDHGSCRSFFSSHGLGVRAVAIEVEDAESAFSISVANGAIPSSPPIVLNEAVTIAEVKLYGDVVLR
YVSYKAEDTEKSEFLPGFERVEDASSFPLDYGIRRLDHAVGNVPELGPALTYVAGFTGFHQFAEFTADDVGTAESGLNSA
VLASNDEMVLLPINEPVHGTKRKSQIQTYLEHNEGAGLQHLALMSEDIFRTLREMRKRSSIGGFDFMPSPPPTYYQNLKK
RVGDVLSDDQIKECEELGILVDRDDQGTLLQIFTKPLGDRPTIFIEIIQRVGCMMKDEEGKAYQSGGCGGFGKGNFSELF
KSIEEYEKTLEAKQLVG
;
_entity_poly.pdbx_strand_id   A
#
loop_
_chem_comp.id
_chem_comp.type
_chem_comp.name
_chem_comp.formula
CO non-polymer 'COBALT (II) ION' 'Co 2'
MPD non-polymer (4S)-2-METHYL-2,4-PENTANEDIOL 'C6 H14 O2'
NQX non-polymer 6-[(R)-[(2R,6R)-2,6-bis(oxidanyl)cyclohexyl]-oxidanyl-methyl]-3-(4,6-dimethylpyrimidin-2-yl)-1,5-dimethyl-quinazoline-2,4-dione 'C23 H28 N4 O5'
#
# COMPACT_ATOMS: atom_id res chain seq x y z
N LYS A 7 18.74 9.52 -13.59
CA LYS A 7 18.98 8.41 -14.51
C LYS A 7 17.94 7.29 -14.33
N ASN A 8 17.35 6.87 -15.45
CA ASN A 8 16.38 5.78 -15.47
C ASN A 8 16.80 4.79 -16.54
N PRO A 9 17.48 3.71 -16.16
CA PRO A 9 17.96 2.75 -17.16
C PRO A 9 16.87 1.92 -17.83
N LYS A 10 15.63 1.99 -17.34
CA LYS A 10 14.51 1.25 -17.93
C LYS A 10 14.86 -0.23 -18.13
N SER A 11 15.23 -0.88 -17.03
CA SER A 11 15.77 -2.23 -17.08
C SER A 11 14.80 -3.32 -16.61
N ASP A 12 13.49 -3.03 -16.55
CA ASP A 12 12.50 -4.05 -16.22
C ASP A 12 12.71 -5.30 -17.06
N LYS A 13 12.70 -6.46 -16.41
CA LYS A 13 12.90 -7.70 -17.15
C LYS A 13 11.61 -8.24 -17.76
N PHE A 14 10.47 -7.63 -17.46
CA PHE A 14 9.19 -7.99 -18.05
C PHE A 14 8.30 -6.75 -18.03
N LYS A 15 7.27 -6.76 -18.87
CA LYS A 15 6.44 -5.57 -19.07
C LYS A 15 5.47 -5.42 -17.90
N VAL A 16 5.63 -4.34 -17.14
CA VAL A 16 4.82 -4.04 -15.97
C VAL A 16 3.91 -2.88 -16.30
N LYS A 17 2.65 -2.96 -15.86
CA LYS A 17 1.71 -1.88 -16.15
C LYS A 17 1.52 -0.99 -14.92
N ARG A 18 0.60 -1.34 -14.03
CA ARG A 18 0.35 -0.51 -12.87
C ARG A 18 0.04 -1.38 -11.66
N PHE A 19 0.06 -0.76 -10.49
CA PHE A 19 -0.46 -1.43 -9.30
C PHE A 19 -1.89 -1.87 -9.60
N HIS A 20 -2.21 -3.12 -9.28
CA HIS A 20 -3.54 -3.63 -9.53
C HIS A 20 -4.40 -3.68 -8.25
N HIS A 21 -3.90 -4.33 -7.20
CA HIS A 21 -4.63 -4.36 -5.94
C HIS A 21 -3.69 -4.72 -4.80
N ILE A 22 -4.23 -4.56 -3.59
CA ILE A 22 -3.58 -4.93 -2.34
C ILE A 22 -4.51 -5.91 -1.64
N GLU A 23 -3.98 -7.03 -1.18
CA GLU A 23 -4.80 -7.99 -0.43
C GLU A 23 -4.36 -8.05 1.03
N PHE A 24 -5.31 -7.83 1.93
CA PHE A 24 -5.10 -7.99 3.35
C PHE A 24 -5.53 -9.38 3.75
N TRP A 25 -4.72 -10.05 4.56
CA TRP A 25 -5.15 -11.29 5.17
C TRP A 25 -5.66 -10.97 6.56
N CYS A 26 -6.87 -11.45 6.86
CA CYS A 26 -7.67 -11.03 7.99
C CYS A 26 -8.11 -12.24 8.80
N GLY A 27 -8.56 -11.98 10.02
CA GLY A 27 -9.26 -12.99 10.77
C GLY A 27 -10.72 -13.03 10.40
N ASP A 28 -11.31 -11.84 10.28
CA ASP A 28 -12.68 -11.71 9.79
C ASP A 28 -12.67 -10.66 8.68
N ALA A 29 -12.88 -11.08 7.43
CA ALA A 29 -12.82 -10.13 6.32
C ALA A 29 -13.99 -9.15 6.33
N THR A 30 -15.17 -9.59 6.79
CA THR A 30 -16.35 -8.73 6.80
C THR A 30 -16.11 -7.47 7.63
N ASN A 31 -15.61 -7.63 8.87
CA ASN A 31 -15.50 -6.49 9.77
C ASN A 31 -14.38 -5.55 9.35
N VAL A 32 -13.26 -6.08 8.86
CA VAL A 32 -12.19 -5.20 8.39
C VAL A 32 -12.64 -4.44 7.16
N ALA A 33 -13.28 -5.13 6.20
CA ALA A 33 -13.72 -4.47 4.97
C ALA A 33 -14.76 -3.38 5.24
N ARG A 34 -15.71 -3.64 6.16
CA ARG A 34 -16.71 -2.62 6.47
C ARG A 34 -16.06 -1.41 7.14
N ARG A 35 -15.08 -1.66 8.01
CA ARG A 35 -14.40 -0.55 8.68
C ARG A 35 -13.63 0.29 7.67
N PHE A 36 -12.85 -0.36 6.81
CA PHE A 36 -12.07 0.34 5.79
C PHE A 36 -12.98 1.09 4.82
N SER A 37 -14.12 0.51 4.46
CA SER A 37 -15.03 1.15 3.51
C SER A 37 -15.51 2.50 4.03
N TRP A 38 -16.01 2.52 5.26
CA TRP A 38 -16.45 3.77 5.89
C TRP A 38 -15.29 4.73 6.12
N GLY A 39 -14.17 4.23 6.63
CA GLY A 39 -13.05 5.09 7.00
C GLY A 39 -12.36 5.74 5.81
N LEU A 40 -12.26 5.04 4.68
CA LEU A 40 -11.53 5.51 3.51
C LEU A 40 -12.43 5.94 2.36
N GLY A 41 -13.73 5.66 2.44
CA GLY A 41 -14.65 6.07 1.39
C GLY A 41 -14.49 5.19 0.18
N MET A 42 -14.49 3.89 0.39
CA MET A 42 -14.31 2.91 -0.67
C MET A 42 -15.60 2.10 -0.79
N ARG A 43 -16.02 1.89 -2.03
CA ARG A 43 -17.25 1.14 -2.30
C ARG A 43 -17.01 -0.35 -2.35
N PHE A 44 -18.00 -1.09 -1.85
CA PHE A 44 -18.06 -2.55 -1.99
C PHE A 44 -18.32 -2.90 -3.46
N SER A 45 -17.34 -3.53 -4.12
CA SER A 45 -17.37 -3.72 -5.58
C SER A 45 -17.54 -5.16 -6.03
N ALA A 46 -17.01 -6.13 -5.31
CA ALA A 46 -17.08 -7.53 -5.72
C ALA A 46 -16.91 -8.40 -4.49
N LYS A 47 -17.33 -9.66 -4.64
CA LYS A 47 -17.22 -10.63 -3.55
C LYS A 47 -16.99 -12.03 -4.11
N SER A 48 -16.34 -12.86 -3.30
CA SER A 48 -16.20 -14.29 -3.51
C SER A 48 -16.30 -14.92 -2.12
N ASP A 49 -17.39 -15.64 -1.87
CA ASP A 49 -17.65 -16.15 -0.54
C ASP A 49 -18.68 -17.26 -0.66
N LEU A 50 -19.25 -17.67 0.48
CA LEU A 50 -20.22 -18.77 0.46
C LEU A 50 -21.35 -18.52 -0.53
N SER A 51 -21.80 -17.27 -0.63
CA SER A 51 -22.94 -16.97 -1.50
C SER A 51 -22.57 -17.07 -2.97
N THR A 52 -21.27 -17.11 -3.31
CA THR A 52 -20.85 -17.30 -4.69
C THR A 52 -20.30 -18.70 -4.95
N GLY A 53 -20.43 -19.62 -3.99
CA GLY A 53 -19.96 -20.97 -4.16
C GLY A 53 -18.57 -21.25 -3.62
N ASN A 54 -17.92 -20.25 -3.02
CA ASN A 54 -16.58 -20.41 -2.45
C ASN A 54 -16.70 -20.96 -1.04
N MET A 55 -16.30 -22.23 -0.84
CA MET A 55 -16.33 -22.91 0.45
C MET A 55 -15.01 -22.78 1.20
N VAL A 56 -14.04 -22.09 0.62
CA VAL A 56 -12.68 -22.05 1.14
C VAL A 56 -12.37 -20.75 1.87
N HIS A 57 -12.61 -19.60 1.23
CA HIS A 57 -12.28 -18.31 1.81
C HIS A 57 -13.36 -17.28 1.49
N ALA A 58 -13.48 -16.31 2.38
CA ALA A 58 -14.31 -15.13 2.16
C ALA A 58 -13.42 -13.98 1.71
N SER A 59 -13.71 -13.41 0.54
CA SER A 59 -12.92 -12.31 -0.03
C SER A 59 -13.87 -11.20 -0.48
N TYR A 60 -13.59 -9.96 -0.05
CA TYR A 60 -14.43 -8.80 -0.38
C TYR A 60 -13.57 -7.68 -0.93
N LEU A 61 -13.98 -7.13 -2.06
CA LEU A 61 -13.21 -6.11 -2.76
C LEU A 61 -13.84 -4.73 -2.57
N LEU A 62 -13.02 -3.77 -2.13
CA LEU A 62 -13.39 -2.37 -2.05
C LEU A 62 -12.62 -1.60 -3.11
N THR A 63 -13.27 -0.61 -3.72
CA THR A 63 -12.61 0.20 -4.75
C THR A 63 -12.88 1.68 -4.52
N SER A 64 -11.90 2.48 -4.92
CA SER A 64 -12.09 3.92 -5.02
C SER A 64 -11.24 4.38 -6.19
N GLY A 65 -11.88 4.83 -7.27
CA GLY A 65 -11.12 5.06 -8.49
C GLY A 65 -10.44 3.77 -8.94
N ASP A 66 -9.12 3.83 -9.15
CA ASP A 66 -8.35 2.66 -9.55
C ASP A 66 -7.79 1.89 -8.36
N LEU A 67 -7.99 2.38 -7.14
CA LEU A 67 -7.49 1.71 -5.95
C LEU A 67 -8.37 0.51 -5.63
N ARG A 68 -7.74 -0.65 -5.43
CA ARG A 68 -8.44 -1.90 -5.13
C ARG A 68 -7.86 -2.49 -3.86
N PHE A 69 -8.69 -2.63 -2.82
CA PHE A 69 -8.32 -3.27 -1.56
C PHE A 69 -9.13 -4.55 -1.43
N LEU A 70 -8.44 -5.70 -1.37
CA LEU A 70 -9.06 -7.00 -1.16
C LEU A 70 -8.86 -7.47 0.28
N PHE A 71 -9.93 -7.98 0.89
CA PHE A 71 -9.90 -8.48 2.27
C PHE A 71 -10.34 -9.93 2.28
N THR A 72 -9.49 -10.81 2.80
CA THR A 72 -9.69 -12.25 2.68
C THR A 72 -9.45 -12.92 4.02
N ALA A 73 -10.35 -13.85 4.39
CA ALA A 73 -10.22 -14.65 5.60
C ALA A 73 -10.59 -16.10 5.27
N PRO A 74 -10.05 -17.06 6.01
CA PRO A 74 -10.42 -18.46 5.76
C PRO A 74 -11.70 -18.84 6.48
N TYR A 75 -12.47 -19.73 5.84
CA TYR A 75 -13.55 -20.41 6.56
C TYR A 75 -12.97 -21.60 7.33
N SER A 76 -13.83 -22.32 8.04
CA SER A 76 -13.42 -23.60 8.59
C SER A 76 -12.92 -24.52 7.49
N PRO A 77 -11.76 -25.15 7.64
CA PRO A 77 -11.32 -26.15 6.65
C PRO A 77 -12.32 -27.28 6.43
N SER A 78 -13.22 -27.53 7.38
CA SER A 78 -14.16 -28.64 7.24
C SER A 78 -15.12 -28.42 6.07
N LEU A 79 -15.42 -27.16 5.72
CA LEU A 79 -16.34 -26.91 4.61
C LEU A 79 -15.78 -27.37 3.28
N SER A 80 -14.45 -27.42 3.15
CA SER A 80 -13.80 -27.78 1.89
C SER A 80 -12.96 -29.05 2.01
N ALA A 81 -13.18 -29.86 3.06
CA ALA A 81 -12.25 -30.94 3.37
C ALA A 81 -12.20 -31.98 2.26
N GLY A 82 -13.29 -32.15 1.51
CA GLY A 82 -13.25 -33.09 0.40
C GLY A 82 -12.69 -32.55 -0.89
N GLU A 83 -12.35 -31.26 -0.93
CA GLU A 83 -11.81 -30.68 -2.15
C GLU A 83 -10.33 -31.01 -2.28
N ILE A 84 -9.86 -30.96 -3.53
CA ILE A 84 -8.44 -30.93 -3.85
C ILE A 84 -8.24 -29.77 -4.80
N LYS A 85 -6.99 -29.37 -4.99
CA LYS A 85 -6.73 -28.24 -5.88
C LYS A 85 -7.40 -28.38 -7.24
N PRO A 86 -7.38 -29.55 -7.92
CA PRO A 86 -8.14 -29.67 -9.18
C PRO A 86 -9.64 -29.42 -9.04
N THR A 87 -10.23 -29.65 -7.86
CA THR A 87 -11.68 -29.46 -7.67
C THR A 87 -12.01 -28.27 -6.77
N THR A 88 -11.08 -27.35 -6.56
CA THR A 88 -11.25 -26.32 -5.54
C THR A 88 -12.40 -25.37 -5.89
N THR A 89 -13.07 -24.88 -4.83
CA THR A 89 -14.03 -23.78 -4.99
C THR A 89 -13.43 -22.42 -4.63
N ALA A 90 -12.16 -22.38 -4.23
CA ALA A 90 -11.48 -21.11 -4.01
C ALA A 90 -11.39 -20.34 -5.31
N SER A 91 -11.63 -19.03 -5.23
CA SER A 91 -11.47 -18.19 -6.42
C SER A 91 -10.05 -17.68 -6.56
N ILE A 92 -9.24 -17.76 -5.51
CA ILE A 92 -7.85 -17.35 -5.52
C ILE A 92 -6.99 -18.58 -5.26
N PRO A 93 -6.45 -19.22 -6.29
CA PRO A 93 -5.87 -20.55 -6.13
C PRO A 93 -4.62 -20.60 -5.28
N SER A 94 -3.94 -19.46 -5.06
CA SER A 94 -2.82 -19.44 -4.13
C SER A 94 -3.26 -19.49 -2.67
N PHE A 95 -4.56 -19.37 -2.38
CA PHE A 95 -4.98 -19.34 -0.99
C PHE A 95 -4.75 -20.68 -0.31
N ASP A 96 -4.35 -20.63 0.96
CA ASP A 96 -4.16 -21.83 1.78
C ASP A 96 -4.59 -21.51 3.19
N HIS A 97 -5.54 -22.29 3.75
CA HIS A 97 -6.00 -22.06 5.12
C HIS A 97 -4.81 -21.93 6.08
N GLY A 98 -3.87 -22.88 6.00
CA GLY A 98 -2.77 -22.90 6.95
C GLY A 98 -1.84 -21.71 6.80
N SER A 99 -1.52 -21.34 5.56
CA SER A 99 -0.68 -20.17 5.35
C SER A 99 -1.35 -18.91 5.87
N CYS A 100 -2.67 -18.78 5.65
CA CYS A 100 -3.39 -17.59 6.09
C CYS A 100 -3.48 -17.51 7.61
N ARG A 101 -3.85 -18.62 8.25
CA ARG A 101 -3.91 -18.61 9.71
C ARG A 101 -2.56 -18.32 10.33
N SER A 102 -1.49 -18.89 9.76
CA SER A 102 -0.14 -18.68 10.28
C SER A 102 0.32 -17.24 10.09
N PHE A 103 0.06 -16.68 8.90
CA PHE A 103 0.35 -15.27 8.65
C PHE A 103 -0.31 -14.38 9.69
N PHE A 104 -1.63 -14.55 9.87
CA PHE A 104 -2.36 -13.63 10.75
C PHE A 104 -1.95 -13.81 12.20
N SER A 105 -1.79 -15.06 12.65
CA SER A 105 -1.34 -15.29 14.01
C SER A 105 0.05 -14.70 14.24
N SER A 106 0.91 -14.76 13.21
CA SER A 106 2.28 -14.24 13.34
C SER A 106 2.32 -12.72 13.31
N HIS A 107 1.60 -12.11 12.34
CA HIS A 107 1.76 -10.69 12.03
C HIS A 107 0.57 -9.83 12.44
N GLY A 108 -0.56 -10.42 12.79
CA GLY A 108 -1.76 -9.61 12.89
C GLY A 108 -2.21 -9.15 11.51
N LEU A 109 -3.19 -8.25 11.52
CA LEU A 109 -3.78 -7.74 10.28
C LEU A 109 -2.73 -7.02 9.44
N GLY A 110 -2.64 -7.37 8.17
CA GLY A 110 -1.68 -6.70 7.32
C GLY A 110 -1.77 -7.20 5.89
N VAL A 111 -0.85 -6.71 5.08
CA VAL A 111 -0.87 -6.96 3.63
C VAL A 111 -0.15 -8.26 3.35
N ARG A 112 -0.87 -9.19 2.73
CA ARG A 112 -0.27 -10.41 2.21
C ARG A 112 0.27 -10.22 0.81
N ALA A 113 -0.45 -9.50 -0.07
CA ALA A 113 -0.07 -9.44 -1.48
C ALA A 113 -0.08 -8.01 -1.99
N VAL A 114 1.03 -7.62 -2.60
CA VAL A 114 1.13 -6.42 -3.42
C VAL A 114 1.02 -6.88 -4.87
N ALA A 115 -0.11 -6.57 -5.51
CA ALA A 115 -0.40 -7.09 -6.84
C ALA A 115 -0.17 -6.02 -7.89
N ILE A 116 0.56 -6.36 -8.93
CA ILE A 116 0.77 -5.48 -10.08
C ILE A 116 0.23 -6.15 -11.33
N GLU A 117 -0.35 -5.36 -12.22
CA GLU A 117 -0.79 -5.88 -13.50
C GLU A 117 0.39 -5.88 -14.46
N VAL A 118 0.62 -7.03 -15.08
CA VAL A 118 1.72 -7.20 -16.02
C VAL A 118 1.14 -7.64 -17.36
N GLU A 119 2.00 -7.61 -18.39
CA GLU A 119 1.56 -8.06 -19.71
C GLU A 119 1.25 -9.55 -19.73
N ASP A 120 2.06 -10.36 -19.06
CA ASP A 120 1.89 -11.81 -19.09
C ASP A 120 2.42 -12.36 -17.77
N ALA A 121 1.52 -12.83 -16.90
CA ALA A 121 1.91 -13.25 -15.57
C ALA A 121 2.75 -14.52 -15.60
N GLU A 122 2.51 -15.42 -16.55
CA GLU A 122 3.36 -16.61 -16.65
C GLU A 122 4.80 -16.24 -16.99
N SER A 123 4.99 -15.38 -17.99
CA SER A 123 6.35 -14.99 -18.33
C SER A 123 6.99 -14.17 -17.22
N ALA A 124 6.24 -13.25 -16.59
CA ALA A 124 6.79 -12.51 -15.45
C ALA A 124 7.25 -13.44 -14.34
N PHE A 125 6.45 -14.46 -14.01
CA PHE A 125 6.84 -15.43 -13.00
C PHE A 125 8.12 -16.16 -13.40
N SER A 126 8.16 -16.69 -14.63
CA SER A 126 9.33 -17.45 -15.08
C SER A 126 10.58 -16.60 -15.05
N ILE A 127 10.51 -15.40 -15.61
CA ILE A 127 11.69 -14.54 -15.68
C ILE A 127 12.13 -14.13 -14.28
N SER A 128 11.16 -13.82 -13.40
CA SER A 128 11.51 -13.49 -12.01
C SER A 128 12.25 -14.63 -11.33
N VAL A 129 11.71 -15.84 -11.42
CA VAL A 129 12.36 -16.98 -10.79
C VAL A 129 13.69 -17.28 -11.45
N ALA A 130 13.76 -17.19 -12.79
CA ALA A 130 15.04 -17.37 -13.46
C ALA A 130 16.06 -16.35 -12.98
N ASN A 131 15.61 -15.24 -12.39
CA ASN A 131 16.49 -14.17 -11.96
C ASN A 131 16.53 -14.02 -10.44
N GLY A 132 16.19 -15.07 -9.70
CA GLY A 132 16.41 -15.13 -8.27
C GLY A 132 15.18 -15.06 -7.39
N ALA A 133 14.00 -14.76 -7.94
CA ALA A 133 12.80 -14.69 -7.11
C ALA A 133 12.51 -16.05 -6.50
N ILE A 134 12.06 -16.04 -5.24
CA ILE A 134 11.64 -17.26 -4.56
C ILE A 134 10.18 -17.50 -4.91
N PRO A 135 9.85 -18.61 -5.57
CA PRO A 135 8.46 -18.81 -5.99
C PRO A 135 7.56 -18.99 -4.79
N SER A 136 6.34 -18.49 -4.91
CA SER A 136 5.35 -18.70 -3.87
C SER A 136 4.10 -19.41 -4.37
N SER A 137 3.62 -19.06 -5.55
CA SER A 137 2.47 -19.70 -6.16
C SER A 137 2.65 -19.65 -7.67
N PRO A 138 2.55 -20.79 -8.36
CA PRO A 138 2.87 -20.83 -9.78
C PRO A 138 1.77 -20.20 -10.62
N PRO A 139 2.05 -19.91 -11.89
CA PRO A 139 1.02 -19.29 -12.73
C PRO A 139 -0.18 -20.21 -12.89
N ILE A 140 -1.36 -19.65 -12.67
CA ILE A 140 -2.60 -20.41 -12.79
C ILE A 140 -3.55 -19.57 -13.62
N VAL A 141 -4.11 -20.19 -14.66
CA VAL A 141 -5.01 -19.51 -15.57
C VAL A 141 -6.43 -19.72 -15.09
N LEU A 142 -7.14 -18.63 -14.85
CA LEU A 142 -8.51 -18.65 -14.33
C LEU A 142 -9.48 -18.43 -15.48
N ASN A 143 -10.34 -19.42 -15.73
CA ASN A 143 -11.39 -19.33 -16.74
C ASN A 143 -10.85 -18.87 -18.10
N GLU A 144 -9.63 -19.30 -18.43
CA GLU A 144 -8.98 -18.95 -19.71
C GLU A 144 -8.99 -17.45 -19.95
N ALA A 145 -8.91 -16.67 -18.87
CA ALA A 145 -9.17 -15.23 -18.96
C ALA A 145 -8.12 -14.42 -18.20
N VAL A 146 -7.72 -14.90 -17.03
CA VAL A 146 -6.83 -14.16 -16.15
C VAL A 146 -5.77 -15.11 -15.63
N THR A 147 -4.51 -14.66 -15.64
CA THR A 147 -3.42 -15.45 -15.08
C THR A 147 -2.85 -14.76 -13.84
N ILE A 148 -2.62 -15.54 -12.80
CA ILE A 148 -2.11 -15.04 -11.54
C ILE A 148 -0.93 -15.90 -11.11
N ALA A 149 0.09 -15.26 -10.54
CA ALA A 149 1.27 -15.94 -10.03
C ALA A 149 1.88 -15.09 -8.92
N GLU A 150 2.65 -15.72 -8.03
CA GLU A 150 3.16 -15.02 -6.86
C GLU A 150 4.60 -15.43 -6.57
N VAL A 151 5.43 -14.43 -6.22
CA VAL A 151 6.78 -14.66 -5.72
C VAL A 151 6.94 -13.89 -4.41
N LYS A 152 7.88 -14.34 -3.58
CA LYS A 152 8.12 -13.67 -2.31
C LYS A 152 8.72 -12.28 -2.55
N LEU A 153 8.26 -11.31 -1.76
CA LEU A 153 8.77 -9.94 -1.86
C LEU A 153 9.69 -9.62 -0.67
N TYR A 154 9.14 -9.64 0.55
CA TYR A 154 9.89 -9.59 1.79
C TYR A 154 8.99 -10.15 2.88
N GLY A 155 9.62 -10.71 3.92
CA GLY A 155 8.85 -11.37 4.96
C GLY A 155 7.87 -12.36 4.38
N ASP A 156 6.62 -12.30 4.83
CA ASP A 156 5.56 -13.13 4.29
C ASP A 156 4.68 -12.38 3.29
N VAL A 157 5.19 -11.29 2.71
CA VAL A 157 4.49 -10.52 1.69
C VAL A 157 4.91 -11.04 0.33
N VAL A 158 3.93 -11.24 -0.56
CA VAL A 158 4.22 -11.71 -1.91
C VAL A 158 3.99 -10.57 -2.89
N LEU A 159 4.76 -10.58 -3.97
CA LEU A 159 4.49 -9.75 -5.14
C LEU A 159 3.68 -10.61 -6.09
N ARG A 160 2.42 -10.22 -6.28
CA ARG A 160 1.48 -10.96 -7.12
C ARG A 160 1.45 -10.35 -8.51
N TYR A 161 1.59 -11.18 -9.54
CA TYR A 161 1.43 -10.77 -10.92
C TYR A 161 0.04 -11.17 -11.41
N VAL A 162 -0.62 -10.28 -12.12
CA VAL A 162 -1.91 -10.57 -12.74
C VAL A 162 -1.89 -10.02 -14.16
N SER A 163 -2.36 -10.82 -15.11
CA SER A 163 -2.47 -10.38 -16.50
C SER A 163 -3.80 -10.86 -17.07
N TYR A 164 -4.36 -10.07 -17.98
CA TYR A 164 -5.71 -10.27 -18.51
C TYR A 164 -5.65 -10.45 -20.02
N LYS A 165 -6.36 -11.46 -20.53
CA LYS A 165 -6.46 -11.62 -21.98
C LYS A 165 -7.15 -10.42 -22.61
N ALA A 166 -8.25 -9.97 -22.01
CA ALA A 166 -8.98 -8.83 -22.55
C ALA A 166 -8.63 -7.54 -21.82
N GLU A 173 -15.60 -8.30 -12.77
CA GLU A 173 -14.49 -8.26 -13.72
C GLU A 173 -13.12 -8.27 -13.01
N PHE A 174 -13.14 -8.26 -11.68
CA PHE A 174 -11.91 -8.36 -10.89
C PHE A 174 -11.19 -9.66 -11.20
N LEU A 175 -11.79 -10.78 -10.82
CA LEU A 175 -11.26 -12.10 -11.09
C LEU A 175 -12.43 -13.02 -11.37
N PRO A 176 -12.24 -14.06 -12.19
CA PRO A 176 -13.29 -15.06 -12.35
C PRO A 176 -13.68 -15.65 -11.01
N GLY A 177 -14.97 -15.93 -10.85
CA GLY A 177 -15.48 -16.44 -9.60
C GLY A 177 -15.91 -15.35 -8.62
N PHE A 178 -15.49 -14.11 -8.85
CA PHE A 178 -16.00 -12.99 -8.08
C PHE A 178 -17.29 -12.50 -8.72
N GLU A 179 -18.25 -12.12 -7.90
CA GLU A 179 -19.49 -11.53 -8.37
C GLU A 179 -19.50 -10.05 -8.04
N ARG A 180 -19.99 -9.24 -8.99
CA ARG A 180 -20.19 -7.82 -8.77
C ARG A 180 -21.30 -7.61 -7.73
N VAL A 181 -21.11 -6.62 -6.87
CA VAL A 181 -21.92 -6.56 -5.64
C VAL A 181 -23.25 -5.85 -5.90
N GLU A 182 -24.31 -6.40 -5.30
CA GLU A 182 -25.65 -5.86 -5.41
C GLU A 182 -25.70 -4.39 -5.01
N ASP A 183 -26.45 -3.61 -5.78
CA ASP A 183 -26.48 -2.16 -5.61
C ASP A 183 -26.79 -1.77 -4.17
N ALA A 184 -27.78 -2.41 -3.55
CA ALA A 184 -28.20 -2.01 -2.21
C ALA A 184 -27.08 -2.16 -1.20
N SER A 185 -26.26 -3.21 -1.35
CA SER A 185 -25.07 -3.36 -0.53
C SER A 185 -23.94 -2.44 -0.97
N SER A 186 -24.03 -1.86 -2.16
CA SER A 186 -22.95 -1.03 -2.70
C SER A 186 -23.36 0.43 -2.58
N PHE A 187 -23.02 1.04 -1.46
CA PHE A 187 -23.20 2.47 -1.26
C PHE A 187 -22.06 3.21 -1.95
N PRO A 188 -22.35 4.21 -2.78
CA PRO A 188 -21.29 4.82 -3.61
C PRO A 188 -20.43 5.83 -2.86
N LEU A 189 -19.77 5.39 -1.78
CA LEU A 189 -18.91 6.28 -1.02
C LEU A 189 -17.73 6.71 -1.87
N ASP A 190 -17.22 7.90 -1.60
CA ASP A 190 -16.06 8.39 -2.33
C ASP A 190 -15.50 9.64 -1.65
N TYR A 191 -14.30 9.57 -1.07
CA TYR A 191 -13.69 10.73 -0.47
C TYR A 191 -12.55 11.29 -1.32
N GLY A 192 -12.38 10.80 -2.55
CA GLY A 192 -11.41 11.36 -3.48
C GLY A 192 -10.18 10.51 -3.71
N ILE A 193 -10.00 9.39 -3.02
CA ILE A 193 -8.84 8.54 -3.27
C ILE A 193 -8.99 7.88 -4.63
N ARG A 194 -7.89 7.85 -5.41
CA ARG A 194 -7.98 7.41 -6.79
C ARG A 194 -7.04 6.28 -7.18
N ARG A 195 -5.88 6.12 -6.51
CA ARG A 195 -4.98 5.03 -6.88
C ARG A 195 -3.90 4.86 -5.82
N LEU A 196 -3.24 3.71 -5.87
CA LEU A 196 -2.11 3.43 -5.00
C LEU A 196 -0.86 4.09 -5.56
N ASP A 197 -0.24 4.98 -4.79
CA ASP A 197 0.96 5.64 -5.26
C ASP A 197 2.22 4.79 -5.01
N HIS A 198 2.38 4.29 -3.79
CA HIS A 198 3.51 3.43 -3.51
C HIS A 198 3.20 2.53 -2.32
N ALA A 199 3.98 1.46 -2.20
CA ALA A 199 3.83 0.47 -1.13
C ALA A 199 5.20 0.19 -0.54
N VAL A 200 5.33 0.30 0.77
CA VAL A 200 6.61 0.41 1.46
C VAL A 200 6.81 -0.79 2.37
N GLY A 201 7.97 -1.43 2.25
CA GLY A 201 8.34 -2.52 3.13
C GLY A 201 9.37 -2.10 4.18
N ASN A 202 9.25 -2.72 5.37
CA ASN A 202 10.25 -2.64 6.43
C ASN A 202 10.99 -3.97 6.49
N VAL A 203 12.32 -3.92 6.51
CA VAL A 203 13.17 -5.11 6.58
C VAL A 203 14.29 -4.87 7.57
N PRO A 204 14.91 -5.94 8.09
CA PRO A 204 16.05 -5.74 8.99
C PRO A 204 17.29 -5.23 8.27
N GLU A 205 17.53 -5.64 7.03
CA GLU A 205 18.72 -5.23 6.28
C GLU A 205 18.30 -4.76 4.89
N LEU A 206 18.49 -3.45 4.63
CA LEU A 206 18.07 -2.88 3.35
C LEU A 206 18.85 -3.42 2.16
N GLY A 207 20.16 -3.55 2.29
CA GLY A 207 21.01 -3.98 1.18
C GLY A 207 20.56 -5.26 0.50
N PRO A 208 20.49 -6.36 1.27
CA PRO A 208 20.06 -7.63 0.66
C PRO A 208 18.63 -7.59 0.13
N ALA A 209 17.74 -6.85 0.80
CA ALA A 209 16.37 -6.75 0.30
C ALA A 209 16.33 -6.07 -1.06
N LEU A 210 17.03 -4.93 -1.20
CA LEU A 210 17.08 -4.25 -2.49
C LEU A 210 17.67 -5.13 -3.57
N THR A 211 18.78 -5.81 -3.26
CA THR A 211 19.48 -6.63 -4.25
C THR A 211 18.59 -7.77 -4.74
N TYR A 212 17.86 -8.41 -3.83
CA TYR A 212 16.93 -9.47 -4.19
C TYR A 212 15.85 -8.95 -5.14
N VAL A 213 15.11 -7.91 -4.72
CA VAL A 213 13.97 -7.45 -5.50
C VAL A 213 14.42 -6.84 -6.82
N ALA A 214 15.40 -5.94 -6.78
CA ALA A 214 15.89 -5.38 -8.04
C ALA A 214 16.47 -6.47 -8.94
N GLY A 215 17.02 -7.52 -8.33
CA GLY A 215 17.56 -8.62 -9.11
C GLY A 215 16.53 -9.30 -9.99
N PHE A 216 15.36 -9.62 -9.42
CA PHE A 216 14.42 -10.42 -10.21
C PHE A 216 13.42 -9.58 -10.99
N THR A 217 13.28 -8.29 -10.69
CA THR A 217 12.37 -7.44 -11.46
C THR A 217 13.08 -6.65 -12.55
N GLY A 218 14.33 -6.28 -12.32
CA GLY A 218 14.93 -5.24 -13.12
C GLY A 218 14.53 -3.84 -12.71
N PHE A 219 13.77 -3.68 -11.61
CA PHE A 219 13.40 -2.36 -11.16
C PHE A 219 14.64 -1.57 -10.79
N HIS A 220 14.64 -0.27 -11.10
CA HIS A 220 15.81 0.56 -10.89
C HIS A 220 15.62 1.45 -9.66
N GLN A 221 16.74 1.92 -9.13
CA GLN A 221 16.71 2.85 -8.01
C GLN A 221 16.13 4.18 -8.47
N PHE A 222 15.04 4.60 -7.83
CA PHE A 222 14.43 5.90 -8.09
C PHE A 222 15.22 6.99 -7.37
N ALA A 223 15.55 8.06 -8.08
CA ALA A 223 16.40 9.11 -7.52
C ALA A 223 15.64 9.95 -6.51
N GLU A 224 16.20 10.08 -5.30
CA GLU A 224 15.58 10.88 -4.26
C GLU A 224 16.38 12.15 -4.05
N GLU A 234 19.72 9.91 10.84
CA GLU A 234 19.64 10.46 12.20
C GLU A 234 18.23 10.34 12.77
N SER A 235 17.29 9.93 11.93
CA SER A 235 15.89 9.79 12.33
C SER A 235 15.44 8.33 12.36
N GLY A 236 16.36 7.38 12.36
CA GLY A 236 16.04 6.00 12.66
C GLY A 236 15.86 5.07 11.49
N LEU A 237 16.11 5.52 10.25
CA LEU A 237 15.97 4.60 9.12
C LEU A 237 16.92 4.98 8.00
N ASN A 238 17.23 3.98 7.18
CA ASN A 238 17.74 4.16 5.82
C ASN A 238 16.69 3.60 4.88
N SER A 239 16.53 4.22 3.71
CA SER A 239 15.54 3.74 2.78
C SER A 239 15.96 4.03 1.35
N ALA A 240 15.44 3.22 0.43
CA ALA A 240 15.67 3.41 -0.99
C ALA A 240 14.42 2.90 -1.71
N VAL A 241 14.25 3.35 -2.95
CA VAL A 241 13.02 3.13 -3.68
C VAL A 241 13.34 2.43 -5.00
N LEU A 242 12.61 1.36 -5.27
CA LEU A 242 12.71 0.65 -6.54
C LEU A 242 11.53 1.04 -7.43
N ALA A 243 11.79 1.15 -8.75
CA ALA A 243 10.77 1.66 -9.66
C ALA A 243 10.80 0.91 -10.98
N SER A 244 9.61 0.75 -11.57
CA SER A 244 9.46 0.17 -12.89
C SER A 244 9.86 1.18 -13.96
N ASN A 245 9.80 0.73 -15.22
CA ASN A 245 10.32 1.51 -16.34
C ASN A 245 9.69 2.92 -16.40
N ASP A 246 8.37 3.01 -16.30
CA ASP A 246 7.74 4.33 -16.33
C ASP A 246 7.56 4.92 -14.93
N GLU A 247 8.13 4.27 -13.92
CA GLU A 247 8.18 4.76 -12.54
C GLU A 247 6.78 4.97 -11.95
N MET A 248 5.79 4.20 -12.42
CA MET A 248 4.45 4.23 -11.85
C MET A 248 4.23 3.13 -10.81
N VAL A 249 5.08 2.10 -10.81
CA VAL A 249 5.15 1.15 -9.71
C VAL A 249 6.36 1.53 -8.87
N LEU A 250 6.09 1.91 -7.62
CA LEU A 250 7.11 2.45 -6.72
C LEU A 250 7.09 1.61 -5.44
N LEU A 251 8.24 1.02 -5.11
CA LEU A 251 8.36 0.13 -3.96
C LEU A 251 9.52 0.59 -3.09
N PRO A 252 9.29 1.55 -2.20
CA PRO A 252 10.30 1.86 -1.18
C PRO A 252 10.50 0.72 -0.19
N ILE A 253 11.72 0.65 0.35
CA ILE A 253 12.08 -0.33 1.38
C ILE A 253 12.90 0.40 2.44
N ASN A 254 12.58 0.18 3.71
CA ASN A 254 13.25 0.79 4.86
C ASN A 254 13.99 -0.26 5.68
N GLU A 255 15.08 0.16 6.32
CA GLU A 255 15.75 -0.62 7.35
C GLU A 255 15.96 0.25 8.59
N PRO A 256 16.08 -0.35 9.77
CA PRO A 256 16.29 0.46 10.99
C PRO A 256 17.71 0.97 11.07
N VAL A 257 17.87 2.08 11.80
CA VAL A 257 19.20 2.56 12.21
C VAL A 257 19.24 2.51 13.74
N HIS A 258 20.19 1.75 14.28
CA HIS A 258 20.23 1.48 15.71
C HIS A 258 21.09 2.49 16.46
N GLY A 259 20.94 2.51 17.78
CA GLY A 259 21.75 3.35 18.63
C GLY A 259 21.42 4.82 18.59
N THR A 260 20.21 5.17 18.16
CA THR A 260 19.78 6.56 18.11
C THR A 260 19.29 7.00 19.50
N LYS A 261 18.96 8.29 19.62
CA LYS A 261 18.38 8.80 20.86
C LYS A 261 16.99 8.22 21.08
N ARG A 262 16.08 8.50 20.14
CA ARG A 262 14.78 7.84 20.12
C ARG A 262 14.88 6.53 19.33
N LYS A 263 14.23 5.49 19.85
CA LYS A 263 14.31 4.18 19.23
C LYS A 263 13.70 4.21 17.83
N SER A 264 14.29 3.45 16.91
CA SER A 264 13.84 3.47 15.53
C SER A 264 12.43 2.91 15.42
N GLN A 265 11.58 3.64 14.70
CA GLN A 265 10.23 3.15 14.45
C GLN A 265 10.25 1.91 13.56
N ILE A 266 11.28 1.77 12.73
CA ILE A 266 11.39 0.57 11.90
C ILE A 266 11.64 -0.65 12.78
N GLN A 267 12.50 -0.52 13.80
CA GLN A 267 12.77 -1.62 14.70
C GLN A 267 11.55 -1.97 15.54
N THR A 268 10.81 -0.96 16.02
CA THR A 268 9.55 -1.25 16.71
C THR A 268 8.61 -2.04 15.81
N TYR A 269 8.53 -1.65 14.54
CA TYR A 269 7.70 -2.40 13.59
C TYR A 269 8.13 -3.86 13.53
N LEU A 270 9.42 -4.10 13.30
CA LEU A 270 9.91 -5.47 13.18
C LEU A 270 9.60 -6.29 14.43
N GLU A 271 9.73 -5.69 15.62
CA GLU A 271 9.41 -6.43 16.83
C GLU A 271 7.94 -6.80 16.90
N HIS A 272 7.05 -5.83 16.68
CA HIS A 272 5.62 -6.11 16.84
C HIS A 272 5.05 -6.91 15.67
N ASN A 273 5.64 -6.80 14.48
CA ASN A 273 5.18 -7.56 13.32
C ASN A 273 5.76 -8.97 13.23
N GLU A 274 6.67 -9.32 14.16
CA GLU A 274 7.46 -10.53 14.05
C GLU A 274 8.22 -10.60 12.72
N GLY A 275 8.91 -9.51 12.39
CA GLY A 275 9.81 -9.49 11.26
C GLY A 275 9.33 -8.60 10.13
N ALA A 276 9.97 -8.78 8.97
CA ALA A 276 9.74 -7.90 7.84
C ALA A 276 8.29 -7.98 7.38
N GLY A 277 7.81 -6.88 6.81
CA GLY A 277 6.49 -6.84 6.24
C GLY A 277 6.21 -5.47 5.66
N LEU A 278 4.99 -5.30 5.18
CA LEU A 278 4.60 -4.05 4.56
C LEU A 278 4.35 -2.99 5.64
N GLN A 279 5.01 -1.84 5.49
CA GLN A 279 4.92 -0.77 6.48
C GLN A 279 3.77 0.20 6.18
N HIS A 280 3.73 0.79 4.98
CA HIS A 280 2.59 1.65 4.69
C HIS A 280 2.21 1.61 3.22
N LEU A 281 0.95 1.94 2.96
CA LEU A 281 0.39 2.13 1.64
C LEU A 281 0.08 3.60 1.46
N ALA A 282 0.61 4.20 0.40
CA ALA A 282 0.36 5.60 0.10
C ALA A 282 -0.70 5.71 -0.98
N LEU A 283 -1.83 6.32 -0.66
CA LEU A 283 -2.98 6.39 -1.54
C LEU A 283 -3.09 7.80 -2.11
N MET A 284 -3.05 7.89 -3.44
CA MET A 284 -3.16 9.19 -4.10
C MET A 284 -4.61 9.66 -4.12
N SER A 285 -4.83 10.90 -3.68
CA SER A 285 -6.13 11.56 -3.74
C SER A 285 -6.13 12.59 -4.86
N GLU A 286 -7.26 12.72 -5.57
CA GLU A 286 -7.46 13.84 -6.50
C GLU A 286 -7.79 15.15 -5.79
N ASP A 287 -7.95 15.13 -4.47
CA ASP A 287 -8.31 16.33 -3.71
C ASP A 287 -8.01 16.05 -2.25
N ILE A 288 -6.75 16.23 -1.85
CA ILE A 288 -6.34 15.77 -0.54
C ILE A 288 -7.03 16.57 0.55
N PHE A 289 -7.47 17.79 0.24
CA PHE A 289 -8.21 18.57 1.22
C PHE A 289 -9.54 17.90 1.53
N ARG A 290 -10.29 17.51 0.49
CA ARG A 290 -11.58 16.88 0.70
C ARG A 290 -11.42 15.51 1.33
N THR A 291 -10.42 14.73 0.89
CA THR A 291 -10.19 13.42 1.49
C THR A 291 -9.95 13.51 2.99
N LEU A 292 -9.10 14.44 3.41
CA LEU A 292 -8.78 14.57 4.82
C LEU A 292 -9.94 15.13 5.62
N ARG A 293 -10.69 16.07 5.04
CA ARG A 293 -11.92 16.53 5.71
C ARG A 293 -12.84 15.36 5.99
N GLU A 294 -13.08 14.54 4.97
CA GLU A 294 -14.05 13.45 5.11
C GLU A 294 -13.50 12.36 6.04
N MET A 295 -12.21 12.04 5.93
CA MET A 295 -11.64 11.03 6.82
C MET A 295 -11.61 11.50 8.27
N ARG A 296 -11.28 12.77 8.51
CA ARG A 296 -11.19 13.25 9.89
C ARG A 296 -12.55 13.37 10.55
N LYS A 297 -13.59 13.66 9.77
CA LYS A 297 -14.95 13.68 10.33
C LYS A 297 -15.34 12.32 10.88
N ARG A 298 -14.75 11.25 10.32
CA ARG A 298 -15.14 9.89 10.67
C ARG A 298 -14.14 9.20 11.60
N SER A 299 -13.06 9.87 12.02
CA SER A 299 -12.00 9.20 12.77
C SER A 299 -12.55 8.52 14.03
N SER A 300 -13.45 9.19 14.74
CA SER A 300 -13.93 8.70 16.02
C SER A 300 -15.29 8.02 15.94
N ILE A 301 -15.80 7.80 14.73
CA ILE A 301 -17.04 7.06 14.52
C ILE A 301 -16.82 5.92 13.52
N GLY A 302 -15.72 5.19 13.69
CA GLY A 302 -15.46 3.98 12.93
C GLY A 302 -14.30 4.09 11.97
N GLY A 303 -13.82 5.28 11.68
CA GLY A 303 -12.81 5.50 10.65
C GLY A 303 -11.40 5.39 11.17
N PHE A 304 -10.51 6.14 10.55
CA PHE A 304 -9.09 6.12 10.86
C PHE A 304 -8.67 7.41 11.54
N ASP A 305 -7.75 7.29 12.50
CA ASP A 305 -7.15 8.41 13.19
C ASP A 305 -5.88 8.82 12.47
N PHE A 306 -5.50 10.08 12.62
CA PHE A 306 -4.30 10.61 11.99
C PHE A 306 -3.24 10.90 13.03
N MET A 307 -2.00 10.97 12.58
CA MET A 307 -0.90 11.29 13.47
C MET A 307 -1.09 12.71 14.03
N PRO A 308 -0.43 13.02 15.15
CA PRO A 308 -0.55 14.39 15.69
C PRO A 308 -0.03 15.41 14.69
N SER A 309 -0.70 16.56 14.63
CA SER A 309 -0.39 17.56 13.63
C SER A 309 0.92 18.26 13.97
N PRO A 310 1.66 18.73 12.97
CA PRO A 310 2.87 19.51 13.26
C PRO A 310 2.50 20.81 13.94
N PRO A 311 3.44 21.45 14.63
CA PRO A 311 3.12 22.69 15.35
C PRO A 311 2.89 23.83 14.38
N PRO A 312 2.33 24.96 14.84
CA PRO A 312 2.09 26.07 13.91
C PRO A 312 3.35 26.60 13.26
N THR A 313 4.50 26.45 13.92
CA THR A 313 5.76 26.89 13.35
C THR A 313 6.05 26.18 12.03
N TYR A 314 5.70 24.90 11.94
CA TYR A 314 5.85 24.18 10.68
C TYR A 314 5.07 24.88 9.57
N TYR A 315 3.87 25.37 9.88
CA TYR A 315 3.07 25.99 8.85
C TYR A 315 3.52 27.42 8.55
N GLN A 316 4.04 28.14 9.54
CA GLN A 316 4.71 29.40 9.22
C GLN A 316 5.89 29.18 8.27
N ASN A 317 6.63 28.09 8.45
CA ASN A 317 7.78 27.82 7.60
C ASN A 317 7.39 27.38 6.19
N LEU A 318 6.11 27.07 5.95
CA LEU A 318 5.72 26.67 4.60
C LEU A 318 5.76 27.83 3.62
N LYS A 319 5.53 29.05 4.11
CA LYS A 319 5.56 30.21 3.22
C LYS A 319 6.89 30.32 2.50
N LYS A 320 7.99 30.16 3.24
CA LYS A 320 9.32 30.23 2.62
C LYS A 320 9.60 29.02 1.74
N ARG A 321 9.01 27.87 2.05
CA ARG A 321 9.35 26.65 1.32
C ARG A 321 8.52 26.48 0.05
N VAL A 322 7.22 26.78 0.09
CA VAL A 322 6.34 26.45 -1.03
C VAL A 322 5.37 27.60 -1.29
N GLY A 323 5.67 28.79 -0.78
CA GLY A 323 4.82 29.96 -1.03
C GLY A 323 4.60 30.29 -2.49
N ASP A 324 5.48 29.81 -3.37
CA ASP A 324 5.25 29.95 -4.80
C ASP A 324 4.33 28.85 -5.36
N VAL A 325 4.03 27.84 -4.56
CA VAL A 325 3.17 26.73 -4.98
C VAL A 325 1.80 26.83 -4.32
N LEU A 326 1.75 27.14 -3.04
CA LEU A 326 0.51 27.19 -2.28
C LEU A 326 0.25 28.61 -1.82
N SER A 327 -1.01 29.02 -1.91
CA SER A 327 -1.44 30.30 -1.41
C SER A 327 -1.53 30.28 0.11
N ASP A 328 -1.74 31.46 0.69
CA ASP A 328 -1.92 31.55 2.15
C ASP A 328 -3.13 30.76 2.60
N ASP A 329 -4.23 30.84 1.86
CA ASP A 329 -5.43 30.10 2.23
C ASP A 329 -5.19 28.60 2.12
N GLN A 330 -4.45 28.17 1.08
CA GLN A 330 -4.17 26.76 0.90
C GLN A 330 -3.16 26.25 1.92
N ILE A 331 -2.26 27.12 2.39
CA ILE A 331 -1.37 26.77 3.49
C ILE A 331 -2.15 26.68 4.79
N LYS A 332 -3.04 27.64 5.05
CA LYS A 332 -3.90 27.56 6.22
C LYS A 332 -4.78 26.33 6.20
N GLU A 333 -5.19 25.88 5.01
CA GLU A 333 -5.97 24.65 4.91
C GLU A 333 -5.13 23.43 5.25
N CYS A 334 -3.86 23.42 4.82
CA CYS A 334 -2.95 22.36 5.27
C CYS A 334 -2.86 22.35 6.79
N GLU A 335 -2.76 23.54 7.40
CA GLU A 335 -2.65 23.59 8.85
C GLU A 335 -3.91 23.05 9.52
N GLU A 336 -5.08 23.37 8.98
CA GLU A 336 -6.33 22.89 9.59
C GLU A 336 -6.42 21.37 9.57
N LEU A 337 -5.80 20.74 8.58
CA LEU A 337 -5.97 19.33 8.35
C LEU A 337 -4.75 18.51 8.75
N GLY A 338 -3.70 19.16 9.26
CA GLY A 338 -2.49 18.47 9.66
C GLY A 338 -1.63 17.96 8.52
N ILE A 339 -1.75 18.55 7.34
CA ILE A 339 -1.08 18.06 6.14
C ILE A 339 0.39 18.51 6.14
N LEU A 340 1.27 17.60 5.76
CA LEU A 340 2.69 17.86 5.58
C LEU A 340 2.98 18.16 4.11
N VAL A 341 4.05 18.93 3.87
CA VAL A 341 4.39 19.41 2.54
C VAL A 341 5.88 19.25 2.32
N ASP A 342 6.27 18.61 1.22
CA ASP A 342 7.67 18.54 0.85
C ASP A 342 7.82 18.89 -0.62
N ARG A 343 9.06 19.09 -1.05
CA ARG A 343 9.30 19.53 -2.41
C ARG A 343 10.62 18.99 -2.93
N ASP A 344 10.60 18.56 -4.19
CA ASP A 344 11.72 18.07 -4.97
C ASP A 344 12.37 19.23 -5.75
N ASP A 345 13.30 18.90 -6.64
CA ASP A 345 13.65 19.80 -7.74
C ASP A 345 12.65 19.75 -8.87
N GLN A 346 11.73 18.78 -8.85
CA GLN A 346 10.73 18.59 -9.89
C GLN A 346 9.32 18.91 -9.46
N GLY A 347 8.99 18.82 -8.17
CA GLY A 347 7.59 18.95 -7.82
C GLY A 347 7.39 19.06 -6.32
N THR A 348 6.11 19.10 -5.95
CA THR A 348 5.70 19.35 -4.58
C THR A 348 4.77 18.25 -4.10
N LEU A 349 4.96 17.87 -2.84
CA LEU A 349 4.33 16.73 -2.22
C LEU A 349 3.48 17.17 -1.04
N LEU A 350 2.20 16.80 -1.03
CA LEU A 350 1.35 16.93 0.14
C LEU A 350 1.04 15.55 0.72
N GLN A 351 1.27 15.37 2.02
CA GLN A 351 1.16 14.04 2.62
C GLN A 351 0.66 14.10 4.06
N ILE A 352 0.07 13.00 4.52
CA ILE A 352 -0.31 12.84 5.92
C ILE A 352 -0.39 11.35 6.23
N PHE A 353 -0.16 10.99 7.49
CA PHE A 353 -0.14 9.59 7.91
C PHE A 353 -1.23 9.28 8.92
N THR A 354 -1.84 8.11 8.77
CA THR A 354 -2.77 7.62 9.77
C THR A 354 -2.00 6.99 10.93
N LYS A 355 -2.68 6.87 12.07
CA LYS A 355 -2.23 5.96 13.12
C LYS A 355 -2.31 4.53 12.59
N PRO A 356 -1.72 3.53 13.26
CA PRO A 356 -1.80 2.16 12.76
C PRO A 356 -3.23 1.72 12.48
N LEU A 357 -3.38 0.92 11.43
CA LEU A 357 -4.70 0.49 10.97
C LEU A 357 -5.34 -0.51 11.91
N GLY A 358 -4.56 -1.19 12.75
CA GLY A 358 -5.11 -2.22 13.61
C GLY A 358 -4.48 -2.22 14.99
N ASP A 359 -4.53 -3.36 15.69
CA ASP A 359 -4.06 -3.44 17.07
C ASP A 359 -2.57 -3.12 17.20
N ARG A 360 -1.75 -3.61 16.23
CA ARG A 360 -0.32 -3.54 16.41
C ARG A 360 0.28 -2.28 15.79
N PRO A 361 1.33 -1.73 16.40
CA PRO A 361 1.94 -0.51 15.83
C PRO A 361 2.79 -0.86 14.61
N THR A 362 2.13 -1.30 13.54
CA THR A 362 2.84 -1.82 12.37
C THR A 362 2.38 -1.08 11.10
N ILE A 363 1.39 -1.63 10.40
CA ILE A 363 0.98 -1.03 9.15
C ILE A 363 0.17 0.24 9.39
N PHE A 364 0.41 1.26 8.55
CA PHE A 364 -0.43 2.46 8.53
C PHE A 364 -0.63 2.88 7.09
N ILE A 365 -1.40 3.94 6.90
CA ILE A 365 -1.74 4.45 5.58
C ILE A 365 -1.24 5.88 5.47
N GLU A 366 -0.80 6.23 4.27
CA GLU A 366 -0.45 7.60 3.93
C GLU A 366 -1.41 8.08 2.86
N ILE A 367 -1.90 9.31 3.00
CA ILE A 367 -2.67 9.95 1.94
C ILE A 367 -1.78 11.00 1.31
N ILE A 368 -1.80 11.09 0.00
CA ILE A 368 -0.84 11.87 -0.74
C ILE A 368 -1.49 12.55 -1.95
N GLN A 369 -0.96 13.71 -2.32
CA GLN A 369 -1.28 14.31 -3.61
C GLN A 369 -0.06 15.08 -4.10
N ARG A 370 0.23 14.98 -5.38
CA ARG A 370 1.45 15.52 -5.96
C ARG A 370 1.15 16.67 -6.92
N VAL A 371 2.00 17.69 -6.92
CA VAL A 371 1.87 18.86 -7.77
C VAL A 371 3.12 18.98 -8.64
N GLY A 372 2.93 19.06 -9.95
CA GLY A 372 4.05 19.28 -10.86
C GLY A 372 4.30 18.15 -11.83
N CYS A 373 5.52 18.14 -12.40
CA CYS A 373 5.99 17.08 -13.30
C CYS A 373 4.96 16.73 -14.37
N MET A 374 4.36 17.76 -14.95
CA MET A 374 3.40 17.54 -16.03
C MET A 374 4.14 17.37 -17.36
N MET A 375 3.74 16.35 -18.12
CA MET A 375 4.34 16.08 -19.41
C MET A 375 3.23 15.95 -20.44
N TYR A 383 -0.10 14.10 -18.62
CA TYR A 383 0.04 13.19 -17.49
C TYR A 383 1.14 13.65 -16.54
N GLN A 384 1.11 13.16 -15.30
CA GLN A 384 2.10 13.50 -14.28
C GLN A 384 3.06 12.33 -14.10
N SER A 385 4.36 12.63 -14.09
CA SER A 385 5.31 11.54 -13.95
C SER A 385 5.26 11.00 -12.53
N GLY A 386 5.51 9.69 -12.40
CA GLY A 386 5.39 9.04 -11.11
C GLY A 386 6.41 9.55 -10.11
N GLY A 387 6.00 9.55 -8.84
CA GLY A 387 6.90 9.98 -7.78
C GLY A 387 7.23 11.45 -7.77
N CYS A 388 6.44 12.28 -8.46
CA CYS A 388 6.68 13.72 -8.51
C CYS A 388 6.70 14.36 -7.12
N GLY A 389 7.87 14.88 -6.74
CA GLY A 389 8.06 15.50 -5.44
C GLY A 389 8.75 14.60 -4.42
N GLY A 390 8.98 13.33 -4.75
CA GLY A 390 9.66 12.44 -3.83
C GLY A 390 8.73 11.76 -2.85
N PHE A 391 9.22 11.47 -1.63
CA PHE A 391 8.43 10.71 -0.67
C PHE A 391 8.35 11.40 0.69
N GLY A 392 8.86 12.61 0.81
CA GLY A 392 8.77 13.37 2.04
C GLY A 392 10.00 13.32 2.92
N LYS A 393 11.14 12.83 2.40
CA LYS A 393 12.35 12.75 3.20
C LYS A 393 12.74 14.10 3.79
N GLY A 394 12.44 15.20 3.09
CA GLY A 394 12.75 16.52 3.62
C GLY A 394 11.98 16.89 4.85
N ASN A 395 10.86 16.20 5.12
CA ASN A 395 10.05 16.51 6.30
C ASN A 395 10.60 15.93 7.59
N PHE A 396 11.60 15.04 7.53
CA PHE A 396 12.26 14.64 8.76
C PHE A 396 12.97 15.84 9.40
N SER A 397 13.77 16.55 8.60
CA SER A 397 14.43 17.74 9.12
C SER A 397 13.43 18.86 9.41
N GLU A 398 12.47 19.09 8.51
CA GLU A 398 11.54 20.20 8.70
C GLU A 398 10.68 20.02 9.94
N LEU A 399 10.24 18.79 10.20
CA LEU A 399 9.47 18.53 11.41
C LEU A 399 10.30 18.77 12.65
N PHE A 400 11.51 18.20 12.69
CA PHE A 400 12.40 18.39 13.84
C PHE A 400 12.64 19.88 14.11
N LYS A 401 13.09 20.62 13.10
CA LYS A 401 13.35 22.05 13.26
C LYS A 401 12.12 22.78 13.75
N SER A 402 10.94 22.50 13.18
CA SER A 402 9.74 23.20 13.58
C SER A 402 9.31 22.84 14.99
N ILE A 403 9.54 21.60 15.41
CA ILE A 403 9.25 21.21 16.79
C ILE A 403 10.21 21.92 17.75
N GLU A 404 11.49 22.02 17.38
CA GLU A 404 12.45 22.75 18.21
C GLU A 404 12.09 24.23 18.29
N GLU A 405 11.73 24.83 17.16
CA GLU A 405 11.34 26.23 17.15
C GLU A 405 10.09 26.46 17.99
N TYR A 406 9.14 25.52 17.94
CA TYR A 406 7.93 25.67 18.75
C TYR A 406 8.23 25.49 20.23
N GLU A 407 9.08 24.52 20.57
CA GLU A 407 9.48 24.35 21.97
C GLU A 407 10.15 25.60 22.50
N LYS A 408 11.09 26.16 21.74
CA LYS A 408 11.77 27.37 22.16
C LYS A 408 10.81 28.55 22.25
N THR A 409 9.84 28.60 21.34
CA THR A 409 8.85 29.68 21.36
C THR A 409 8.08 29.70 22.67
N LEU A 410 7.67 28.54 23.16
CA LEU A 410 6.86 28.47 24.37
C LEU A 410 7.73 28.47 25.62
CO CO B . 5.37 7.17 1.82
C10 NQX C . 7.35 9.07 8.98
C13 NQX C . 7.41 9.62 11.36
C15 NQX C . 6.79 7.09 6.66
C20 NQX C . 9.56 6.03 1.51
C21 NQX C . 10.80 6.76 1.90
C22 NQX C . 10.96 6.91 3.43
C28 NQX C . 7.38 8.80 13.94
C1 NQX C . 7.63 9.00 5.12
C2 NQX C . 8.12 10.30 4.90
C3 NQX C . 8.34 11.16 5.97
C4 NQX C . 8.07 10.69 7.34
C5 NQX C . 7.58 9.41 7.58
C6 NQX C . 7.33 8.52 6.46
C8 NQX C . 8.09 11.24 9.67
C14 NQX C . 8.83 12.92 8.02
C16 NQX C . 7.43 8.19 3.77
C18 NQX C . 8.24 6.92 3.50
C19 NQX C . 8.40 6.86 1.98
C23 NQX C . 9.62 6.65 4.23
C27 NQX C . 8.49 8.57 13.14
C29 NQX C . 6.28 9.45 13.35
C31 NQX C . 9.77 7.85 13.68
C32 NQX C . 5.01 9.72 14.21
N7 NQX C . 8.30 11.59 8.37
N9 NQX C . 7.60 10.00 9.95
N26 NQX C . 8.45 9.00 11.88
N30 NQX C . 6.32 9.85 12.07
O11 NQX C . 6.87 7.82 9.43
O12 NQX C . 8.31 12.01 10.54
O17 NQX C . 6.08 8.00 3.55
O24 NQX C . 7.17 6.42 1.39
O25 NQX C . 9.70 7.25 5.50
C1 MPD D . 3.01 4.10 13.42
C2 MPD D . 4.01 5.20 13.05
O2 MPD D . 5.11 4.60 12.41
CM MPD D . 4.50 5.90 14.31
C3 MPD D . 3.36 6.23 12.13
C4 MPD D . 4.39 7.22 11.61
O4 MPD D . 5.57 6.56 11.22
C5 MPD D . 3.85 7.98 10.41
#